data_5ZB1
#
_entry.id   5ZB1
#
_cell.length_a   175.782
_cell.length_b   175.782
_cell.length_c   175.782
_cell.angle_alpha   90.00
_cell.angle_beta   90.00
_cell.angle_gamma   90.00
#
_symmetry.space_group_name_H-M   'I 4 3 2'
#
loop_
_entity.id
_entity.type
_entity.pdbx_description
1 polymer ORF57
2 non-polymer 'ZINC ION'
#
_entity_poly.entity_id   1
_entity_poly.type   'polypeptide(L)'
_entity_poly.pdbx_seq_one_letter_code
;VSDAVKKLRLPASMIIDGESPRFDDSIIPRHHGACFNVFIPAPPSHVPEVFTDRDITALIRAGGKDDELINKKISAKKID
HLHRQMLSFVTSRHNQAYWVSCRRETAAAGGLQTLGAFVEEQMTWAQTVVRHGGWFDEKDIDIILDTAIFVCNAFVTRFR
LLHLSCVFDKQSELALIKQVAYLVAMGNRLVEACNLLGEVKLNFRGGLLLAFVLTIPGMQSRRSISARGQELFRTLLEYY
RPGDVMGLLNVIVMEHHSLCRNSECAAATRAAMGSAKFNKGLFFYPLS
;
_entity_poly.pdbx_strand_id   A
#
loop_
_chem_comp.id
_chem_comp.type
_chem_comp.name
_chem_comp.formula
ZN non-polymer 'ZINC ION' 'Zn 2'
#
# COMPACT_ATOMS: atom_id res chain seq x y z
N ARG A 22 -32.23 29.76 6.11
CA ARG A 22 -31.65 29.26 4.89
C ARG A 22 -30.18 29.05 5.13
N PHE A 23 -29.56 28.21 4.31
CA PHE A 23 -28.15 27.92 4.45
C PHE A 23 -27.60 27.04 3.36
N ASP A 24 -28.09 25.82 3.41
CA ASP A 24 -27.74 24.70 2.60
C ASP A 24 -26.54 23.98 3.15
N ASP A 25 -26.82 22.89 3.82
CA ASP A 25 -25.78 22.08 4.37
C ASP A 25 -25.23 21.18 3.30
N SER A 26 -25.60 21.37 2.03
CA SER A 26 -25.01 20.47 1.07
C SER A 26 -23.60 20.89 0.68
N ILE A 27 -23.34 22.20 0.59
CA ILE A 27 -22.06 22.66 0.06
C ILE A 27 -20.94 22.39 1.05
N ILE A 28 -21.27 21.78 2.19
CA ILE A 28 -20.22 21.39 3.13
C ILE A 28 -19.87 19.93 2.87
N PRO A 29 -18.58 19.62 2.71
CA PRO A 29 -18.13 18.23 2.57
C PRO A 29 -18.08 17.46 3.87
N ARG A 30 -19.21 17.47 4.60
CA ARG A 30 -19.27 16.80 5.88
C ARG A 30 -18.98 15.31 5.79
N HIS A 31 -19.05 14.74 4.60
CA HIS A 31 -18.68 13.34 4.45
C HIS A 31 -17.18 13.15 4.57
N HIS A 32 -16.38 14.19 4.28
CA HIS A 32 -14.92 14.10 4.28
C HIS A 32 -14.33 13.70 5.63
N GLY A 33 -15.13 13.70 6.70
CA GLY A 33 -14.64 13.29 7.99
C GLY A 33 -13.71 14.31 8.65
N ALA A 34 -12.81 13.79 9.48
CA ALA A 34 -11.86 14.61 10.22
C ALA A 34 -10.87 15.26 9.28
N CYS A 35 -10.20 16.30 9.77
CA CYS A 35 -9.24 17.00 8.93
C CYS A 35 -8.16 17.57 9.84
N PHE A 36 -7.06 16.83 9.98
CA PHE A 36 -5.97 17.29 10.82
C PHE A 36 -4.92 18.02 10.04
N ASN A 37 -4.96 17.95 8.73
CA ASN A 37 -4.08 18.74 7.89
C ASN A 37 -4.88 19.24 6.72
N VAL A 38 -4.96 20.55 6.58
CA VAL A 38 -5.64 21.11 5.43
C VAL A 38 -4.84 20.80 4.19
N PHE A 39 -5.55 20.61 3.09
CA PHE A 39 -4.95 20.47 1.78
C PHE A 39 -3.94 21.58 1.52
N ILE A 40 -2.68 21.20 1.36
CA ILE A 40 -1.63 22.13 0.97
C ILE A 40 -1.16 21.73 -0.42
N PRO A 41 -1.11 22.65 -1.38
CA PRO A 41 -0.83 22.26 -2.76
C PRO A 41 0.66 22.01 -2.98
N ALA A 42 0.97 20.85 -3.55
CA ALA A 42 2.35 20.51 -3.85
C ALA A 42 2.89 21.44 -4.93
N PRO A 43 4.19 21.80 -4.86
CA PRO A 43 4.78 22.67 -5.86
C PRO A 43 5.26 21.92 -7.11
N ARG A 54 22.12 16.27 0.15
CA ARG A 54 22.05 14.84 -0.22
C ARG A 54 22.37 13.88 0.92
N ASP A 55 21.43 13.77 1.85
CA ASP A 55 21.65 13.06 3.12
C ASP A 55 20.42 12.23 3.47
N ILE A 56 20.65 10.96 3.77
CA ILE A 56 19.56 10.04 4.04
C ILE A 56 19.56 9.53 5.47
N THR A 57 20.48 10.01 6.32
CA THR A 57 20.51 9.59 7.72
C THR A 57 19.21 9.91 8.44
N ALA A 58 18.52 10.96 8.05
CA ALA A 58 17.22 11.22 8.64
C ALA A 58 16.23 10.16 8.26
N LEU A 59 16.40 9.54 7.10
CA LEU A 59 15.54 8.43 6.71
C LEU A 59 15.92 7.13 7.43
N ILE A 60 17.20 6.90 7.65
CA ILE A 60 17.61 5.80 8.49
C ILE A 60 17.02 5.98 9.89
N ARG A 61 17.06 7.19 10.42
CA ARG A 61 16.53 7.39 11.77
C ARG A 61 15.01 7.36 11.82
N ALA A 62 14.32 7.68 10.73
CA ALA A 62 12.87 7.52 10.71
C ALA A 62 12.49 6.05 10.82
N GLY A 63 13.30 5.16 10.22
CA GLY A 63 13.01 3.76 10.27
C GLY A 63 13.01 3.20 11.67
N GLY A 64 13.86 3.72 12.52
CA GLY A 64 13.97 3.17 13.86
C GLY A 64 13.00 3.72 14.88
N LYS A 65 11.93 4.36 14.44
CA LYS A 65 10.97 4.91 15.37
C LYS A 65 9.59 4.98 14.74
N ASP A 66 8.55 4.95 15.58
CA ASP A 66 7.17 5.12 15.13
C ASP A 66 6.90 6.58 15.25
N ASP A 67 6.22 7.14 14.28
CA ASP A 67 6.00 8.57 14.13
C ASP A 67 4.76 8.81 13.28
N GLU A 68 4.19 10.00 13.42
CA GLU A 68 3.14 10.37 12.50
C GLU A 68 3.71 10.40 11.09
N LEU A 69 2.89 10.04 10.13
CA LEU A 69 3.40 9.91 8.77
C LEU A 69 3.87 11.25 8.26
N ILE A 70 3.32 12.33 8.80
CA ILE A 70 3.73 13.65 8.34
C ILE A 70 5.16 13.92 8.75
N ASN A 71 5.63 13.22 9.78
CA ASN A 71 7.00 13.30 10.23
C ASN A 71 7.94 12.42 9.44
N LYS A 72 7.41 11.40 8.77
CA LYS A 72 8.16 10.52 7.89
C LYS A 72 7.97 10.87 6.44
N LYS A 73 7.45 12.06 6.14
CA LYS A 73 6.97 12.27 4.79
C LYS A 73 8.11 12.75 3.91
N ILE A 74 7.94 12.56 2.59
CA ILE A 74 8.97 12.94 1.63
C ILE A 74 8.34 12.93 0.23
N SER A 75 9.01 13.59 -0.71
CA SER A 75 8.44 13.82 -2.02
C SER A 75 8.99 12.82 -3.03
N ALA A 76 8.18 12.50 -4.04
CA ALA A 76 8.69 11.63 -5.09
C ALA A 76 9.99 12.16 -5.67
N LYS A 77 10.10 13.47 -5.83
CA LYS A 77 11.31 13.99 -6.45
C LYS A 77 12.45 14.12 -5.47
N LYS A 78 12.16 14.27 -4.17
CA LYS A 78 13.24 14.22 -3.19
C LYS A 78 13.89 12.85 -3.16
N ILE A 79 13.08 11.79 -3.13
CA ILE A 79 13.61 10.43 -3.21
C ILE A 79 14.36 10.22 -4.52
N ASP A 80 13.77 10.61 -5.63
CA ASP A 80 14.46 10.38 -6.90
C ASP A 80 15.83 11.04 -6.91
N HIS A 81 15.96 12.17 -6.20
CA HIS A 81 17.27 12.80 -6.07
C HIS A 81 18.18 11.94 -5.21
N LEU A 82 17.61 11.17 -4.30
CA LEU A 82 18.37 10.41 -3.31
C LEU A 82 18.43 8.93 -3.65
N HIS A 83 18.47 8.57 -4.94
CA HIS A 83 18.40 7.17 -5.28
C HIS A 83 19.71 6.46 -4.98
N ARG A 84 20.81 6.96 -5.53
CA ARG A 84 22.12 6.34 -5.30
C ARG A 84 22.33 6.06 -3.82
N GLN A 85 22.02 7.04 -2.97
CA GLN A 85 22.35 6.96 -1.55
C GLN A 85 21.40 6.02 -0.80
N MET A 86 20.09 6.25 -0.91
CA MET A 86 19.13 5.33 -0.31
C MET A 86 19.30 3.91 -0.85
N LEU A 87 19.80 3.77 -2.08
CA LEU A 87 20.09 2.45 -2.60
C LEU A 87 21.27 1.82 -1.88
N SER A 88 22.32 2.58 -1.60
CA SER A 88 23.42 2.01 -0.85
C SER A 88 23.03 1.70 0.59
N PHE A 89 21.94 2.27 1.08
CA PHE A 89 21.48 1.90 2.41
C PHE A 89 20.66 0.62 2.40
N VAL A 90 19.64 0.55 1.53
CA VAL A 90 18.73 -0.59 1.60
C VAL A 90 19.43 -1.87 1.16
N THR A 91 20.43 -1.76 0.32
CA THR A 91 21.18 -2.92 -0.17
C THR A 91 22.47 -3.17 0.60
N SER A 92 22.79 -2.34 1.59
CA SER A 92 23.92 -2.58 2.48
C SER A 92 23.67 -3.77 3.38
N ARG A 93 24.72 -4.53 3.66
CA ARG A 93 24.54 -5.76 4.42
C ARG A 93 24.28 -5.49 5.88
N HIS A 94 24.80 -4.40 6.41
CA HIS A 94 24.79 -4.14 7.85
C HIS A 94 23.39 -3.82 8.34
N ASN A 95 22.88 -4.65 9.26
CA ASN A 95 21.55 -4.54 9.86
C ASN A 95 20.42 -4.92 8.91
N GLN A 96 20.70 -5.34 7.68
CA GLN A 96 19.62 -5.75 6.81
C GLN A 96 18.74 -6.78 7.48
N ALA A 97 19.35 -7.70 8.21
CA ALA A 97 18.55 -8.72 8.87
C ALA A 97 17.59 -8.11 9.86
N TYR A 98 18.04 -7.06 10.57
CA TYR A 98 17.20 -6.43 11.58
C TYR A 98 16.09 -5.62 10.93
N TRP A 99 16.43 -4.78 9.96
CA TRP A 99 15.42 -3.97 9.30
C TRP A 99 14.38 -4.80 8.61
N VAL A 100 14.77 -5.95 8.08
CA VAL A 100 13.79 -6.81 7.41
C VAL A 100 12.86 -7.44 8.42
N SER A 101 13.39 -7.96 9.53
CA SER A 101 12.55 -8.58 10.54
C SER A 101 11.66 -7.54 11.19
N CYS A 102 12.25 -6.37 11.45
CA CYS A 102 11.53 -5.29 12.08
C CYS A 102 10.35 -4.84 11.24
N ARG A 103 10.57 -4.67 9.94
CA ARG A 103 9.45 -4.32 9.06
C ARG A 103 8.38 -5.39 9.11
N ARG A 104 8.75 -6.65 9.01
CA ARG A 104 7.74 -7.72 8.99
C ARG A 104 7.02 -7.80 10.34
N GLU A 105 7.72 -7.50 11.42
CA GLU A 105 7.10 -7.45 12.74
C GLU A 105 6.03 -6.37 12.82
N THR A 106 6.36 -5.18 12.37
CA THR A 106 5.36 -4.14 12.27
C THR A 106 4.20 -4.57 11.43
N ALA A 107 4.48 -5.07 10.22
CA ALA A 107 3.41 -5.40 9.31
C ALA A 107 2.55 -6.54 9.85
N ALA A 108 3.11 -7.44 10.65
CA ALA A 108 2.27 -8.51 11.20
C ALA A 108 1.24 -7.96 12.20
N ALA A 109 1.61 -6.92 12.96
CA ALA A 109 0.74 -6.34 13.99
C ALA A 109 0.05 -5.05 13.54
N GLY A 110 0.53 -4.40 12.51
CA GLY A 110 -0.08 -3.16 12.10
C GLY A 110 -1.45 -3.36 11.47
N GLY A 111 -2.24 -2.29 11.51
CA GLY A 111 -3.48 -2.21 10.78
C GLY A 111 -3.25 -1.67 9.40
N LEU A 112 -4.35 -1.35 8.73
CA LEU A 112 -4.27 -0.95 7.32
C LEU A 112 -3.65 0.42 7.13
N GLN A 113 -3.47 1.18 8.19
CA GLN A 113 -2.83 2.47 8.03
C GLN A 113 -1.32 2.31 7.99
N THR A 114 -0.79 1.50 8.90
CA THR A 114 0.57 1.04 8.79
C THR A 114 0.85 0.43 7.42
N LEU A 115 0.06 -0.58 7.05
CA LEU A 115 0.37 -1.40 5.89
C LEU A 115 0.19 -0.62 4.61
N GLY A 116 -0.87 0.19 4.52
CA GLY A 116 -0.96 1.10 3.40
C GLY A 116 0.25 2.01 3.32
N ALA A 117 0.84 2.33 4.47
CA ALA A 117 2.02 3.17 4.45
C ALA A 117 3.20 2.41 3.88
N PHE A 118 3.36 1.13 4.27
CA PHE A 118 4.41 0.28 3.71
C PHE A 118 4.23 0.06 2.22
N VAL A 119 3.01 -0.29 1.79
CA VAL A 119 2.73 -0.45 0.37
C VAL A 119 3.08 0.81 -0.41
N GLU A 120 2.71 1.97 0.11
CA GLU A 120 3.07 3.22 -0.55
C GLU A 120 4.58 3.33 -0.72
N GLU A 121 5.32 3.14 0.37
CA GLU A 121 6.76 3.28 0.35
C GLU A 121 7.41 2.35 -0.66
N GLN A 122 6.94 1.11 -0.73
CA GLN A 122 7.56 0.15 -1.63
C GLN A 122 7.15 0.40 -3.08
N MET A 123 5.89 0.77 -3.33
CA MET A 123 5.52 1.14 -4.70
C MET A 123 6.35 2.30 -5.22
N THR A 124 6.50 3.35 -4.42
CA THR A 124 7.31 4.50 -4.81
C THR A 124 8.79 4.16 -4.90
N TRP A 125 9.26 3.25 -4.06
CA TRP A 125 10.65 2.86 -4.16
C TRP A 125 10.90 2.09 -5.45
N ALA A 126 10.04 1.13 -5.77
CA ALA A 126 10.23 0.31 -6.96
C ALA A 126 10.28 1.17 -8.21
N GLN A 127 9.20 1.89 -8.48
CA GLN A 127 9.10 2.90 -9.52
C GLN A 127 10.39 3.68 -9.66
N THR A 128 11.04 3.96 -8.53
CA THR A 128 12.30 4.69 -8.58
C THR A 128 13.45 3.81 -9.05
N VAL A 129 13.59 2.60 -8.52
CA VAL A 129 14.79 1.84 -8.85
C VAL A 129 14.73 1.42 -10.30
N VAL A 130 13.54 1.26 -10.81
CA VAL A 130 13.37 0.91 -12.20
C VAL A 130 13.76 2.04 -13.14
N ARG A 131 13.35 3.23 -12.81
CA ARG A 131 13.63 4.37 -13.61
C ARG A 131 15.11 4.51 -13.72
N HIS A 132 15.83 3.99 -12.76
CA HIS A 132 17.27 4.12 -12.74
C HIS A 132 17.98 2.93 -13.30
N GLY A 133 17.27 2.02 -13.91
CA GLY A 133 17.97 0.89 -14.46
C GLY A 133 18.09 -0.31 -13.56
N GLY A 134 17.38 -0.33 -12.46
CA GLY A 134 17.34 -1.52 -11.64
C GLY A 134 16.22 -2.41 -12.05
N TRP A 135 16.24 -3.62 -11.51
CA TRP A 135 15.16 -4.57 -11.75
C TRP A 135 14.97 -5.41 -10.50
N PHE A 136 13.91 -6.22 -10.54
CA PHE A 136 13.56 -7.15 -9.48
C PHE A 136 14.35 -8.43 -9.64
N ASP A 137 15.60 -8.40 -9.19
CA ASP A 137 16.38 -9.62 -9.25
C ASP A 137 16.45 -10.08 -7.81
N GLU A 138 15.83 -11.21 -7.49
CA GLU A 138 15.84 -11.70 -6.11
C GLU A 138 17.22 -11.92 -5.56
N LYS A 139 18.23 -11.85 -6.42
CA LYS A 139 19.59 -12.05 -5.96
C LYS A 139 20.23 -10.71 -5.61
N ASP A 140 20.35 -10.49 -4.32
CA ASP A 140 20.88 -9.28 -3.66
C ASP A 140 19.70 -8.76 -2.94
N ILE A 141 19.86 -8.38 -1.69
CA ILE A 141 18.69 -7.98 -0.98
C ILE A 141 18.53 -6.52 -0.87
N ASP A 142 17.30 -6.10 -1.10
CA ASP A 142 16.83 -4.74 -0.95
C ASP A 142 15.79 -4.74 0.16
N ILE A 143 16.08 -4.04 1.26
CA ILE A 143 15.21 -4.05 2.43
C ILE A 143 13.75 -3.81 2.04
N ILE A 144 13.50 -2.72 1.32
CA ILE A 144 12.13 -2.36 1.06
C ILE A 144 11.47 -3.39 0.17
N LEU A 145 12.20 -3.90 -0.82
CA LEU A 145 11.63 -4.85 -1.77
C LEU A 145 11.51 -6.25 -1.17
N ASP A 146 12.52 -6.72 -0.46
CA ASP A 146 12.48 -8.03 0.15
C ASP A 146 11.26 -8.26 1.04
N THR A 147 10.45 -7.23 1.28
CA THR A 147 9.28 -7.39 2.12
C THR A 147 7.98 -7.12 1.40
N ALA A 148 8.03 -6.73 0.12
CA ALA A 148 6.81 -6.42 -0.62
C ALA A 148 5.77 -7.50 -0.47
N ILE A 149 6.18 -8.75 -0.64
CA ILE A 149 5.21 -9.85 -0.63
C ILE A 149 4.69 -10.09 0.77
N PHE A 150 5.54 -9.94 1.78
CA PHE A 150 5.04 -10.09 3.14
C PHE A 150 4.04 -9.00 3.45
N VAL A 151 4.43 -7.75 3.16
CA VAL A 151 3.57 -6.61 3.42
C VAL A 151 2.26 -6.75 2.69
N CYS A 152 2.31 -7.19 1.45
CA CYS A 152 1.08 -7.38 0.68
C CYS A 152 0.17 -8.43 1.32
N ASN A 153 0.72 -9.60 1.65
CA ASN A 153 -0.08 -10.61 2.34
C ASN A 153 -0.73 -10.03 3.58
N ALA A 154 -0.01 -9.16 4.31
CA ALA A 154 -0.48 -8.64 5.59
C ALA A 154 -1.66 -7.67 5.41
N PHE A 155 -1.52 -6.73 4.48
CA PHE A 155 -2.58 -5.80 4.17
C PHE A 155 -3.87 -6.52 3.85
N VAL A 156 -3.84 -7.38 2.83
CA VAL A 156 -5.03 -8.09 2.39
C VAL A 156 -5.62 -8.93 3.52
N THR A 157 -4.78 -9.63 4.27
CA THR A 157 -5.28 -10.34 5.45
C THR A 157 -6.02 -9.40 6.39
N ARG A 158 -5.60 -8.15 6.47
CA ARG A 158 -6.29 -7.22 7.34
C ARG A 158 -7.53 -6.65 6.65
N PHE A 159 -7.49 -6.53 5.33
CA PHE A 159 -8.64 -6.09 4.56
C PHE A 159 -9.88 -6.90 4.89
N ARG A 160 -9.70 -8.20 5.08
CA ARG A 160 -10.80 -9.12 5.35
C ARG A 160 -11.47 -8.84 6.68
N LEU A 161 -10.82 -8.09 7.57
CA LEU A 161 -11.50 -7.68 8.80
C LEU A 161 -12.67 -6.76 8.51
N LEU A 162 -12.70 -6.12 7.35
CA LEU A 162 -13.86 -5.36 6.96
C LEU A 162 -15.08 -6.25 6.73
N HIS A 163 -16.25 -5.63 6.82
CA HIS A 163 -17.51 -6.21 6.38
C HIS A 163 -17.62 -5.92 4.89
N LEU A 164 -17.02 -6.80 4.09
CA LEU A 164 -16.85 -6.52 2.67
C LEU A 164 -18.17 -6.54 1.90
N SER A 165 -18.87 -7.20 2.61
CA SER A 165 -20.20 -7.31 2.00
C SER A 165 -20.84 -5.94 2.08
N CYS A 166 -20.74 -5.29 3.24
CA CYS A 166 -21.34 -3.97 3.36
C CYS A 166 -20.67 -2.93 2.46
N VAL A 167 -19.37 -2.97 2.43
CA VAL A 167 -18.64 -2.01 1.65
C VAL A 167 -18.83 -2.01 0.15
N PHE A 168 -18.47 -3.11 -0.49
CA PHE A 168 -18.48 -3.19 -1.95
C PHE A 168 -19.76 -3.08 -2.81
N ASP A 169 -20.91 -3.53 -2.31
CA ASP A 169 -22.15 -3.37 -3.05
C ASP A 169 -22.33 -4.26 -4.27
N LYS A 170 -22.02 -3.75 -5.46
CA LYS A 170 -22.18 -4.55 -6.64
C LYS A 170 -21.71 -5.94 -6.37
N GLN A 171 -22.57 -6.92 -6.64
CA GLN A 171 -22.24 -8.31 -6.38
C GLN A 171 -21.10 -8.81 -7.27
N SER A 172 -21.02 -8.30 -8.50
CA SER A 172 -19.96 -8.72 -9.40
C SER A 172 -18.58 -8.27 -8.90
N GLU A 173 -18.49 -7.02 -8.42
CA GLU A 173 -17.22 -6.55 -7.87
C GLU A 173 -16.89 -7.24 -6.55
N LEU A 174 -17.84 -7.27 -5.62
CA LEU A 174 -17.59 -7.97 -4.37
C LEU A 174 -17.16 -9.41 -4.61
N ALA A 175 -17.72 -10.07 -5.63
CA ALA A 175 -17.36 -11.46 -5.88
C ALA A 175 -15.88 -11.61 -6.12
N LEU A 176 -15.33 -10.78 -7.00
CA LEU A 176 -13.91 -10.85 -7.31
C LEU A 176 -13.08 -10.53 -6.08
N ILE A 177 -13.32 -9.35 -5.50
CA ILE A 177 -12.53 -8.84 -4.39
C ILE A 177 -12.44 -9.88 -3.29
N LYS A 178 -13.57 -10.48 -2.95
CA LYS A 178 -13.58 -11.50 -1.92
C LYS A 178 -12.71 -12.69 -2.27
N GLN A 179 -12.54 -12.98 -3.56
CA GLN A 179 -11.77 -14.15 -3.96
C GLN A 179 -10.29 -13.85 -3.99
N VAL A 180 -9.91 -12.72 -4.61
CA VAL A 180 -8.53 -12.27 -4.57
C VAL A 180 -8.04 -12.18 -3.13
N ALA A 181 -8.93 -11.78 -2.23
CA ALA A 181 -8.59 -11.77 -0.82
C ALA A 181 -8.49 -13.18 -0.26
N TYR A 182 -9.33 -14.11 -0.73
CA TYR A 182 -9.28 -15.47 -0.21
C TYR A 182 -7.94 -16.14 -0.52
N LEU A 183 -7.46 -16.02 -1.77
CA LEU A 183 -6.26 -16.73 -2.17
C LEU A 183 -5.04 -16.22 -1.43
N VAL A 184 -4.80 -14.91 -1.50
CA VAL A 184 -3.63 -14.30 -0.87
C VAL A 184 -3.62 -14.53 0.63
N ALA A 185 -4.76 -14.27 1.27
CA ALA A 185 -4.82 -14.36 2.72
C ALA A 185 -4.58 -15.77 3.21
N MET A 186 -5.08 -16.76 2.48
CA MET A 186 -4.90 -18.13 2.93
C MET A 186 -3.95 -18.86 2.06
N GLY A 187 -2.77 -19.13 2.58
CA GLY A 187 -1.75 -19.83 1.84
C GLY A 187 -0.90 -18.96 0.94
N ASN A 188 -0.12 -19.60 0.09
CA ASN A 188 0.70 -18.86 -0.83
C ASN A 188 -0.32 -18.36 -1.79
N ARG A 189 -0.47 -19.03 -2.91
CA ARG A 189 -1.46 -18.72 -3.91
C ARG A 189 -1.37 -17.32 -4.38
N LEU A 190 -0.18 -16.77 -4.39
CA LEU A 190 -0.02 -15.43 -4.92
C LEU A 190 -0.18 -15.42 -6.44
N VAL A 191 0.35 -16.43 -7.12
CA VAL A 191 0.22 -16.47 -8.57
C VAL A 191 -1.24 -16.54 -8.98
N GLU A 192 -2.05 -17.27 -8.22
CA GLU A 192 -3.46 -17.41 -8.55
C GLU A 192 -4.17 -16.07 -8.43
N ALA A 193 -3.84 -15.27 -7.42
CA ALA A 193 -4.51 -13.99 -7.27
C ALA A 193 -4.01 -13.00 -8.31
N CYS A 194 -2.73 -13.04 -8.63
CA CYS A 194 -2.21 -12.19 -9.68
C CYS A 194 -2.86 -12.53 -11.00
N ASN A 195 -3.03 -13.83 -11.27
CA ASN A 195 -3.60 -14.22 -12.55
C ASN A 195 -5.07 -13.83 -12.62
N LEU A 196 -5.80 -14.08 -11.54
CA LEU A 196 -7.21 -13.68 -11.48
C LEU A 196 -7.41 -12.21 -11.81
N LEU A 197 -6.50 -11.34 -11.37
CA LEU A 197 -6.67 -9.92 -11.63
C LEU A 197 -6.41 -9.58 -13.09
N GLY A 198 -5.44 -10.24 -13.70
CA GLY A 198 -5.14 -9.96 -15.10
C GLY A 198 -6.34 -10.14 -16.00
N GLU A 199 -7.24 -11.06 -15.65
CA GLU A 199 -8.40 -11.34 -16.48
C GLU A 199 -9.50 -10.30 -16.34
N VAL A 200 -9.63 -9.72 -15.16
CA VAL A 200 -10.73 -8.82 -14.85
C VAL A 200 -10.41 -7.41 -15.32
N LYS A 201 -11.45 -6.65 -15.64
CA LYS A 201 -11.32 -5.23 -15.90
C LYS A 201 -11.45 -4.48 -14.58
N LEU A 202 -10.44 -3.65 -14.29
CA LEU A 202 -10.32 -2.96 -13.02
C LEU A 202 -10.71 -1.51 -13.26
N ASN A 203 -12.02 -1.28 -13.34
CA ASN A 203 -12.56 0.06 -13.42
C ASN A 203 -13.32 0.43 -12.16
N PHE A 204 -13.29 -0.41 -11.14
CA PHE A 204 -13.92 -0.12 -9.87
C PHE A 204 -12.83 -0.07 -8.81
N ARG A 205 -13.06 0.76 -7.79
CA ARG A 205 -11.96 1.13 -6.91
C ARG A 205 -11.43 -0.07 -6.14
N GLY A 206 -12.30 -0.94 -5.63
CA GLY A 206 -11.83 -2.01 -4.77
C GLY A 206 -10.86 -2.97 -5.46
N GLY A 207 -11.06 -3.21 -6.75
CA GLY A 207 -10.18 -4.13 -7.44
C GLY A 207 -8.86 -3.48 -7.81
N LEU A 208 -8.93 -2.24 -8.29
CA LEU A 208 -7.71 -1.50 -8.60
C LEU A 208 -6.85 -1.32 -7.37
N LEU A 209 -7.46 -1.04 -6.22
CA LEU A 209 -6.68 -0.95 -4.99
C LEU A 209 -5.87 -2.23 -4.84
N LEU A 210 -6.55 -3.36 -4.64
CA LEU A 210 -5.89 -4.65 -4.48
C LEU A 210 -4.86 -4.94 -5.56
N ALA A 211 -5.08 -4.41 -6.76
CA ALA A 211 -4.08 -4.62 -7.80
C ALA A 211 -2.80 -3.86 -7.46
N PHE A 212 -2.93 -2.59 -7.08
CA PHE A 212 -1.79 -1.83 -6.58
C PHE A 212 -1.08 -2.54 -5.43
N VAL A 213 -1.84 -3.15 -4.53
CA VAL A 213 -1.23 -3.88 -3.42
C VAL A 213 -0.32 -4.99 -3.93
N LEU A 214 -0.82 -5.80 -4.88
CA LEU A 214 -0.08 -6.92 -5.44
C LEU A 214 0.92 -6.53 -6.51
N THR A 215 1.07 -5.25 -6.86
CA THR A 215 1.89 -4.90 -8.01
C THR A 215 3.36 -5.21 -7.81
N ILE A 216 3.84 -5.19 -6.57
CA ILE A 216 5.25 -5.47 -6.34
C ILE A 216 5.43 -6.95 -6.05
N PRO A 217 4.50 -7.62 -5.38
CA PRO A 217 4.48 -9.08 -5.49
C PRO A 217 4.30 -9.55 -6.92
N GLY A 218 3.54 -8.80 -7.73
CA GLY A 218 3.34 -9.19 -9.12
C GLY A 218 4.62 -9.14 -9.91
N MET A 219 5.33 -8.02 -9.87
CA MET A 219 6.56 -7.90 -10.64
C MET A 219 7.59 -8.90 -10.16
N GLN A 220 7.64 -9.12 -8.86
CA GLN A 220 8.60 -10.06 -8.30
C GLN A 220 8.27 -11.50 -8.67
N SER A 221 7.07 -11.75 -9.19
CA SER A 221 6.63 -13.05 -9.64
C SER A 221 6.39 -13.05 -11.15
N ARG A 222 7.16 -12.27 -11.90
CA ARG A 222 6.78 -11.94 -13.27
C ARG A 222 6.76 -13.18 -14.15
N ARG A 223 7.76 -14.04 -14.01
CA ARG A 223 7.87 -15.19 -14.87
C ARG A 223 7.12 -16.40 -14.34
N SER A 224 6.04 -16.17 -13.61
CA SER A 224 5.13 -17.23 -13.23
C SER A 224 3.67 -16.87 -13.45
N ILE A 225 3.41 -15.63 -13.80
CA ILE A 225 2.07 -15.17 -13.98
C ILE A 225 1.68 -15.02 -15.43
N SER A 226 0.39 -14.95 -15.69
CA SER A 226 -0.10 -14.86 -17.02
C SER A 226 0.45 -13.65 -17.64
N ALA A 227 0.58 -13.70 -18.94
CA ALA A 227 1.08 -12.61 -19.71
C ALA A 227 0.17 -11.46 -19.51
N ARG A 228 -1.11 -11.70 -19.40
CA ARG A 228 -2.04 -10.59 -19.19
C ARG A 228 -1.89 -10.02 -17.79
N GLY A 229 -1.42 -10.81 -16.84
CA GLY A 229 -1.05 -10.31 -15.54
C GLY A 229 0.22 -9.51 -15.65
N GLN A 230 1.26 -10.14 -16.19
CA GLN A 230 2.53 -9.49 -16.48
C GLN A 230 2.34 -8.11 -17.07
N GLU A 231 1.29 -7.94 -17.89
CA GLU A 231 1.08 -6.62 -18.49
C GLU A 231 0.31 -5.70 -17.55
N LEU A 232 -0.63 -6.25 -16.79
CA LEU A 232 -1.36 -5.43 -15.84
C LEU A 232 -0.42 -4.80 -14.81
N PHE A 233 0.37 -5.64 -14.14
CA PHE A 233 1.21 -5.15 -13.06
C PHE A 233 2.31 -4.25 -13.58
N ARG A 234 2.83 -4.53 -14.76
CA ARG A 234 3.78 -3.62 -15.40
C ARG A 234 3.20 -2.22 -15.55
N THR A 235 1.97 -2.12 -16.03
CA THR A 235 1.37 -0.80 -16.26
C THR A 235 0.99 -0.13 -14.96
N LEU A 236 0.42 -0.87 -14.02
CA LEU A 236 0.15 -0.29 -12.70
C LEU A 236 1.41 0.30 -12.12
N LEU A 237 2.53 -0.40 -12.27
CA LEU A 237 3.78 0.12 -11.75
C LEU A 237 4.17 1.41 -12.44
N GLU A 238 4.07 1.46 -13.77
CA GLU A 238 4.56 2.66 -14.43
C GLU A 238 3.56 3.80 -14.35
N TYR A 239 2.31 3.50 -14.06
CA TYR A 239 1.27 4.53 -13.99
C TYR A 239 0.86 4.85 -12.56
N TYR A 240 1.61 4.39 -11.58
CA TYR A 240 1.30 4.70 -10.18
C TYR A 240 1.90 6.04 -9.77
N ARG A 241 1.11 6.83 -9.06
CA ARG A 241 1.59 8.05 -8.46
C ARG A 241 1.48 7.92 -6.94
N PRO A 242 2.40 8.49 -6.18
CA PRO A 242 2.51 8.15 -4.77
C PRO A 242 1.27 8.32 -3.88
N GLY A 243 0.24 9.04 -4.28
CA GLY A 243 -0.85 9.04 -3.32
C GLY A 243 -1.88 7.91 -3.39
N ASP A 244 -1.79 7.08 -4.43
CA ASP A 244 -2.95 6.37 -4.98
C ASP A 244 -3.51 5.31 -4.04
N VAL A 245 -2.66 4.66 -3.24
CA VAL A 245 -3.15 3.54 -2.43
C VAL A 245 -3.82 4.03 -1.16
N MET A 246 -3.19 4.99 -0.48
CA MET A 246 -3.83 5.60 0.67
C MET A 246 -5.04 6.44 0.25
N GLY A 247 -4.95 7.08 -0.90
CA GLY A 247 -6.12 7.65 -1.56
C GLY A 247 -7.30 6.71 -1.81
N LEU A 248 -7.10 5.64 -2.60
CA LEU A 248 -8.20 4.72 -2.88
C LEU A 248 -8.76 4.13 -1.60
N LEU A 249 -7.91 3.76 -0.65
CA LEU A 249 -8.40 3.23 0.60
C LEU A 249 -9.23 4.26 1.35
N ASN A 250 -8.79 5.52 1.31
CA ASN A 250 -9.48 6.59 2.02
C ASN A 250 -10.89 6.80 1.46
N VAL A 251 -10.97 7.12 0.18
CA VAL A 251 -12.25 7.44 -0.43
C VAL A 251 -13.20 6.25 -0.40
N ILE A 252 -12.69 5.04 -0.53
CA ILE A 252 -13.55 3.86 -0.42
C ILE A 252 -14.23 3.85 0.94
N VAL A 253 -13.42 3.83 2.00
CA VAL A 253 -13.94 3.81 3.37
C VAL A 253 -14.77 5.06 3.66
N MET A 254 -14.32 6.21 3.13
CA MET A 254 -15.03 7.46 3.37
C MET A 254 -16.46 7.41 2.85
N GLU A 255 -16.61 6.97 1.60
CA GLU A 255 -17.90 7.11 0.95
C GLU A 255 -18.88 6.03 1.35
N HIS A 256 -18.40 4.83 1.65
CA HIS A 256 -19.29 3.84 2.24
C HIS A 256 -19.91 4.36 3.53
N HIS A 257 -19.14 5.08 4.33
CA HIS A 257 -19.66 5.47 5.62
C HIS A 257 -20.36 6.81 5.60
N SER A 258 -20.50 7.43 4.42
CA SER A 258 -21.48 8.51 4.29
C SER A 258 -22.89 7.97 4.26
N LEU A 259 -23.07 6.67 4.00
CA LEU A 259 -24.37 6.06 4.10
C LEU A 259 -24.45 4.88 5.05
N CYS A 260 -23.38 4.10 5.20
CA CYS A 260 -23.50 2.93 6.04
C CYS A 260 -23.63 3.37 7.49
N ARG A 261 -24.85 3.37 7.98
CA ARG A 261 -25.15 3.62 9.37
C ARG A 261 -24.94 2.39 10.25
N ASN A 262 -24.38 1.32 9.70
CA ASN A 262 -24.28 0.09 10.46
C ASN A 262 -23.24 0.23 11.56
N SER A 263 -23.59 -0.26 12.74
CA SER A 263 -22.74 -0.11 13.91
C SER A 263 -21.52 -1.02 13.84
N GLU A 264 -21.73 -2.27 13.44
CA GLU A 264 -20.63 -3.23 13.44
C GLU A 264 -19.71 -3.05 12.25
N CYS A 265 -20.26 -2.66 11.09
CA CYS A 265 -19.43 -2.38 9.92
C CYS A 265 -18.48 -1.23 10.19
N ALA A 266 -18.97 -0.17 10.84
CA ALA A 266 -18.08 0.91 11.23
C ALA A 266 -17.07 0.44 12.28
N ALA A 267 -17.52 -0.38 13.22
CA ALA A 267 -16.63 -0.88 14.26
C ALA A 267 -15.50 -1.70 13.68
N ALA A 268 -15.81 -2.54 12.68
CA ALA A 268 -14.77 -3.33 12.03
C ALA A 268 -13.84 -2.44 11.23
N THR A 269 -14.38 -1.47 10.48
CA THR A 269 -13.54 -0.53 9.75
C THR A 269 -12.55 0.16 10.67
N ARG A 270 -12.97 0.44 11.91
CA ARG A 270 -12.04 1.08 12.83
C ARG A 270 -10.97 0.10 13.28
N ALA A 271 -11.35 -1.15 13.53
CA ALA A 271 -10.36 -2.13 13.95
C ALA A 271 -9.32 -2.38 12.88
N ALA A 272 -9.74 -2.36 11.62
CA ALA A 272 -8.84 -2.72 10.54
C ALA A 272 -7.68 -1.74 10.44
N MET A 273 -7.93 -0.46 10.64
CA MET A 273 -6.88 0.55 10.51
C MET A 273 -6.54 1.05 11.90
N GLY A 274 -5.47 0.53 12.48
CA GLY A 274 -5.20 0.90 13.85
C GLY A 274 -4.49 2.23 13.94
N SER A 275 -3.53 2.34 14.86
CA SER A 275 -2.64 3.48 14.92
C SER A 275 -1.97 3.71 13.57
N ALA A 276 -2.03 4.94 13.06
CA ALA A 276 -1.18 5.30 11.94
C ALA A 276 0.21 5.70 12.42
N LYS A 277 0.41 5.77 13.74
CA LYS A 277 1.68 6.00 14.39
C LYS A 277 2.37 4.69 14.81
N PHE A 278 2.10 3.57 14.13
CA PHE A 278 2.77 2.29 14.44
C PHE A 278 3.55 1.88 13.20
N ASN A 279 4.73 2.41 12.99
CA ASN A 279 5.37 2.15 11.76
C ASN A 279 6.84 2.04 11.87
N LYS A 280 7.28 1.45 12.93
CA LYS A 280 8.68 1.32 13.19
C LYS A 280 9.60 0.94 12.09
N GLY A 281 9.16 0.19 11.10
CA GLY A 281 10.08 -0.18 10.05
C GLY A 281 10.20 0.75 8.88
N LEU A 282 9.21 1.63 8.72
CA LEU A 282 9.03 2.58 7.63
C LEU A 282 10.02 3.67 7.50
N PHE A 283 10.63 3.84 6.34
CA PHE A 283 11.63 4.89 6.22
C PHE A 283 11.09 6.16 5.60
N PHE A 284 9.99 6.10 4.88
CA PHE A 284 9.46 7.35 4.39
C PHE A 284 8.01 7.14 3.99
N TYR A 285 7.26 8.22 4.01
CA TYR A 285 5.92 8.19 3.47
C TYR A 285 5.91 9.11 2.25
N PRO A 286 5.66 8.60 1.04
CA PRO A 286 5.92 9.35 -0.18
C PRO A 286 4.75 10.21 -0.62
N LEU A 287 5.09 11.24 -1.39
CA LEU A 287 4.12 12.21 -1.93
C LEU A 287 4.60 12.71 -3.29
ZN ZN B . -21.10 -0.71 6.23
#